data_3V7Q
#
_entry.id   3V7Q
#
_cell.length_a   50.407
_cell.length_b   61.291
_cell.length_c   94.160
_cell.angle_alpha   90.00
_cell.angle_beta   90.00
_cell.angle_gamma   90.00
#
_symmetry.space_group_name_H-M   'P 21 21 21'
#
loop_
_entity.id
_entity.type
_entity.pdbx_description
1 polymer 'Probable ribosomal protein ylxQ'
2 non-polymer 'CITRIC ACID'
3 non-polymer 'POTASSIUM ION'
4 water water
#
_entity_poly.entity_id   1
_entity_poly.type   'polypeptide(L)'
_entity_poly.pdbx_seq_one_letter_code
;MGSGMEWFPLLGLANRARKVVSGEDLVIKEIRNARAKLVLLTEDASSNTAKKVTDKCNYYKVPYKKVESRAVLGRSIGKE
ARVVVAVTDQGFANKLISLLD
;
_entity_poly.pdbx_strand_id   A,B,C
#
loop_
_chem_comp.id
_chem_comp.type
_chem_comp.name
_chem_comp.formula
CIT non-polymer 'CITRIC ACID' 'C6 H8 O7'
K non-polymer 'POTASSIUM ION' 'K 1'
#
# COMPACT_ATOMS: atom_id res chain seq x y z
N GLY A 4 -2.62 -21.63 -2.51
CA GLY A 4 -2.02 -20.65 -1.57
C GLY A 4 -0.55 -20.39 -1.85
N MET A 5 -0.09 -20.87 -3.00
N MET A 5 -0.09 -20.85 -3.01
CA MET A 5 1.31 -20.71 -3.42
CA MET A 5 1.31 -20.66 -3.40
C MET A 5 1.34 -20.20 -4.86
C MET A 5 1.36 -20.16 -4.84
N GLU A 6 0.36 -19.36 -5.19
CA GLU A 6 0.26 -18.80 -6.53
C GLU A 6 1.43 -17.91 -6.94
N TRP A 7 2.20 -17.45 -5.97
CA TRP A 7 3.35 -16.60 -6.30
C TRP A 7 4.37 -17.37 -7.11
N PHE A 8 4.49 -18.67 -6.83
CA PHE A 8 5.47 -19.54 -7.50
C PHE A 8 5.31 -19.58 -9.02
N PRO A 9 4.15 -20.03 -9.54
CA PRO A 9 4.03 -20.05 -10.99
C PRO A 9 4.05 -18.64 -11.61
N LEU A 10 3.57 -17.65 -10.86
CA LEU A 10 3.54 -16.29 -11.37
C LEU A 10 4.95 -15.72 -11.56
N LEU A 11 5.85 -15.99 -10.63
CA LEU A 11 7.22 -15.50 -10.78
C LEU A 11 7.84 -16.19 -11.98
N GLY A 12 7.45 -17.44 -12.22
CA GLY A 12 7.98 -18.17 -13.36
C GLY A 12 7.49 -17.50 -14.65
N LEU A 13 6.24 -17.06 -14.64
CA LEU A 13 5.66 -16.39 -15.81
C LEU A 13 6.41 -15.08 -16.05
N ALA A 14 6.71 -14.35 -14.98
CA ALA A 14 7.41 -13.09 -15.10
C ALA A 14 8.82 -13.30 -15.65
N ASN A 15 9.45 -14.41 -15.27
CA ASN A 15 10.79 -14.70 -15.75
C ASN A 15 10.79 -15.03 -17.25
N ARG A 16 9.79 -15.79 -17.68
CA ARG A 16 9.71 -16.15 -19.08
C ARG A 16 9.34 -14.93 -19.92
N ALA A 17 8.85 -13.88 -19.25
CA ALA A 17 8.50 -12.63 -19.92
C ALA A 17 9.71 -11.69 -19.87
N ARG A 18 10.82 -12.22 -19.36
CA ARG A 18 12.08 -11.49 -19.23
C ARG A 18 12.00 -10.31 -18.28
N LYS A 19 11.19 -10.45 -17.23
CA LYS A 19 11.03 -9.38 -16.25
C LYS A 19 11.66 -9.72 -14.90
N VAL A 20 12.59 -10.67 -14.91
CA VAL A 20 13.27 -11.08 -13.67
C VAL A 20 14.78 -11.13 -13.81
N VAL A 21 15.47 -10.58 -12.81
CA VAL A 21 16.93 -10.62 -12.78
C VAL A 21 17.30 -11.26 -11.44
N SER A 22 18.39 -11.98 -11.39
CA SER A 22 18.78 -12.61 -10.14
C SER A 22 20.23 -12.34 -9.82
N GLY A 23 20.59 -12.53 -8.56
CA GLY A 23 21.96 -12.30 -8.13
C GLY A 23 22.06 -10.95 -7.45
N GLU A 24 22.78 -10.90 -6.33
CA GLU A 24 22.92 -9.67 -5.57
C GLU A 24 23.39 -8.47 -6.39
N ASP A 25 24.50 -8.61 -7.10
CA ASP A 25 25.02 -7.51 -7.89
C ASP A 25 24.03 -6.98 -8.94
N LEU A 26 23.45 -7.87 -9.72
CA LEU A 26 22.51 -7.47 -10.76
C LEU A 26 21.24 -6.87 -10.16
N VAL A 27 20.81 -7.40 -9.01
CA VAL A 27 19.62 -6.86 -8.36
C VAL A 27 19.90 -5.43 -7.87
N ILE A 28 21.07 -5.21 -7.27
CA ILE A 28 21.44 -3.88 -6.80
C ILE A 28 21.49 -2.91 -8.01
N LYS A 29 21.95 -3.40 -9.15
CA LYS A 29 21.99 -2.56 -10.34
C LYS A 29 20.57 -2.16 -10.76
N GLU A 30 19.64 -3.10 -10.72
CA GLU A 30 18.26 -2.79 -11.11
C GLU A 30 17.63 -1.81 -10.12
N ILE A 31 17.98 -1.95 -8.84
CA ILE A 31 17.45 -1.05 -7.82
C ILE A 31 17.97 0.37 -8.08
N ARG A 32 19.28 0.49 -8.29
CA ARG A 32 19.89 1.78 -8.55
C ARG A 32 19.37 2.46 -9.82
N ASN A 33 18.98 1.65 -10.81
CA ASN A 33 18.45 2.17 -12.07
C ASN A 33 16.96 2.46 -12.00
N ALA A 34 16.37 2.21 -10.84
CA ALA A 34 14.96 2.43 -10.60
C ALA A 34 14.07 1.51 -11.44
N ARG A 35 14.62 0.38 -11.86
CA ARG A 35 13.87 -0.58 -12.65
C ARG A 35 13.27 -1.71 -11.81
N ALA A 36 13.85 -1.98 -10.64
CA ALA A 36 13.31 -3.03 -9.77
C ALA A 36 12.04 -2.54 -9.08
N LYS A 37 10.95 -3.28 -9.24
CA LYS A 37 9.67 -2.91 -8.63
C LYS A 37 9.29 -3.81 -7.46
N LEU A 38 10.03 -4.91 -7.31
CA LEU A 38 9.85 -5.84 -6.22
C LEU A 38 11.12 -6.68 -6.13
N VAL A 39 11.61 -6.87 -4.91
CA VAL A 39 12.79 -7.70 -4.68
C VAL A 39 12.37 -8.86 -3.80
N LEU A 40 12.82 -10.07 -4.14
CA LEU A 40 12.53 -11.26 -3.35
C LEU A 40 13.86 -11.80 -2.83
N LEU A 41 13.91 -12.07 -1.53
CA LEU A 41 15.11 -12.62 -0.91
C LEU A 41 14.72 -13.79 -0.03
N THR A 42 15.64 -14.74 0.14
CA THR A 42 15.35 -15.91 0.95
C THR A 42 15.65 -15.74 2.43
N GLU A 43 14.94 -16.50 3.24
CA GLU A 43 15.15 -16.47 4.69
C GLU A 43 16.53 -17.03 5.02
N ASP A 44 17.10 -17.83 4.12
CA ASP A 44 18.41 -18.41 4.37
C ASP A 44 19.57 -17.62 3.74
N ALA A 45 19.30 -16.43 3.26
CA ALA A 45 20.35 -15.60 2.69
C ALA A 45 21.34 -15.31 3.82
N SER A 46 22.59 -15.04 3.47
CA SER A 46 23.56 -14.75 4.53
C SER A 46 23.13 -13.45 5.21
N SER A 47 23.55 -13.27 6.46
CA SER A 47 23.17 -12.07 7.19
C SER A 47 23.64 -10.81 6.46
N ASN A 48 24.85 -10.87 5.91
CA ASN A 48 25.42 -9.73 5.21
C ASN A 48 24.61 -9.41 3.94
N THR A 49 24.29 -10.44 3.17
CA THR A 49 23.52 -10.23 1.94
C THR A 49 22.14 -9.66 2.23
N ALA A 50 21.46 -10.19 3.24
CA ALA A 50 20.13 -9.72 3.58
C ALA A 50 20.20 -8.25 4.00
N LYS A 51 21.21 -7.92 4.79
CA LYS A 51 21.38 -6.55 5.27
C LYS A 51 21.63 -5.58 4.11
N LYS A 52 22.58 -5.93 3.24
CA LYS A 52 22.92 -5.08 2.11
C LYS A 52 21.74 -4.86 1.18
N VAL A 53 21.06 -5.94 0.82
CA VAL A 53 19.91 -5.83 -0.08
C VAL A 53 18.73 -5.08 0.52
N THR A 54 18.33 -5.43 1.73
CA THR A 54 17.21 -4.74 2.33
C THR A 54 17.53 -3.26 2.60
N ASP A 55 18.78 -2.94 2.92
CA ASP A 55 19.12 -1.53 3.14
C ASP A 55 18.94 -0.75 1.84
N LYS A 56 19.32 -1.38 0.72
CA LYS A 56 19.20 -0.76 -0.59
C LYS A 56 17.72 -0.58 -0.95
N CYS A 57 16.93 -1.61 -0.71
CA CYS A 57 15.51 -1.55 -1.02
C CYS A 57 14.83 -0.45 -0.23
N ASN A 58 15.11 -0.39 1.07
CA ASN A 58 14.49 0.64 1.90
C ASN A 58 14.90 2.05 1.48
N TYR A 59 16.18 2.23 1.15
CA TYR A 59 16.67 3.56 0.76
C TYR A 59 15.99 4.07 -0.50
N TYR A 60 15.81 3.17 -1.47
CA TYR A 60 15.21 3.54 -2.74
C TYR A 60 13.71 3.24 -2.83
N LYS A 61 13.11 2.90 -1.69
CA LYS A 61 11.68 2.61 -1.58
C LYS A 61 11.17 1.48 -2.48
N VAL A 62 11.97 0.44 -2.62
CA VAL A 62 11.60 -0.73 -3.41
C VAL A 62 11.03 -1.77 -2.46
N PRO A 63 9.83 -2.27 -2.73
CA PRO A 63 9.27 -3.28 -1.83
C PRO A 63 10.05 -4.58 -1.91
N TYR A 64 10.18 -5.27 -0.78
CA TYR A 64 10.85 -6.56 -0.80
C TYR A 64 10.03 -7.53 0.04
N LYS A 65 10.12 -8.80 -0.33
CA LYS A 65 9.43 -9.86 0.37
C LYS A 65 10.39 -11.02 0.51
N LYS A 66 10.20 -11.84 1.52
CA LYS A 66 11.07 -12.98 1.71
C LYS A 66 10.33 -14.29 1.47
N VAL A 67 11.03 -15.25 0.88
CA VAL A 67 10.47 -16.57 0.65
C VAL A 67 11.31 -17.52 1.46
N GLU A 68 10.77 -18.72 1.69
CA GLU A 68 11.40 -19.73 2.52
C GLU A 68 12.85 -20.12 2.30
N SER A 69 13.17 -20.58 1.09
CA SER A 69 14.51 -21.09 0.80
C SER A 69 15.04 -20.70 -0.56
N ARG A 70 16.35 -20.91 -0.76
CA ARG A 70 16.94 -20.61 -2.05
C ARG A 70 16.49 -21.65 -3.06
N ALA A 71 16.12 -22.85 -2.59
CA ALA A 71 15.66 -23.88 -3.49
C ALA A 71 14.32 -23.46 -4.10
N VAL A 72 13.42 -22.96 -3.26
CA VAL A 72 12.11 -22.57 -3.77
C VAL A 72 12.20 -21.34 -4.68
N LEU A 73 13.04 -20.37 -4.33
CA LEU A 73 13.17 -19.17 -5.16
C LEU A 73 13.79 -19.52 -6.50
N GLY A 74 14.84 -20.34 -6.48
CA GLY A 74 15.47 -20.75 -7.72
C GLY A 74 14.53 -21.56 -8.59
N ARG A 75 13.86 -22.54 -7.98
CA ARG A 75 12.94 -23.39 -8.73
C ARG A 75 11.78 -22.63 -9.34
N SER A 76 11.35 -21.56 -8.68
CA SER A 76 10.22 -20.78 -9.21
C SER A 76 10.55 -20.21 -10.59
N ILE A 77 11.84 -20.02 -10.87
CA ILE A 77 12.23 -19.49 -12.18
C ILE A 77 13.05 -20.48 -12.99
N GLY A 78 12.90 -21.77 -12.66
CA GLY A 78 13.59 -22.83 -13.38
C GLY A 78 15.06 -23.05 -13.09
N LYS A 79 15.53 -22.57 -11.95
CA LYS A 79 16.92 -22.72 -11.57
C LYS A 79 17.02 -23.66 -10.36
N GLU A 80 18.24 -24.00 -9.98
CA GLU A 80 18.43 -24.87 -8.83
C GLU A 80 18.31 -24.08 -7.54
N ALA A 81 18.88 -22.88 -7.53
CA ALA A 81 18.86 -22.04 -6.33
C ALA A 81 19.17 -20.58 -6.60
N ARG A 82 18.48 -19.70 -5.87
CA ARG A 82 18.71 -18.27 -5.98
C ARG A 82 18.47 -17.68 -4.61
N VAL A 83 19.28 -16.69 -4.24
CA VAL A 83 19.16 -16.03 -2.94
C VAL A 83 18.40 -14.71 -3.05
N VAL A 84 18.52 -14.06 -4.19
CA VAL A 84 17.83 -12.78 -4.40
C VAL A 84 17.48 -12.54 -5.87
N VAL A 85 16.27 -12.06 -6.08
CA VAL A 85 15.82 -11.74 -7.44
C VAL A 85 15.06 -10.43 -7.41
N ALA A 86 14.95 -9.80 -8.58
CA ALA A 86 14.22 -8.55 -8.70
C ALA A 86 13.27 -8.66 -9.88
N VAL A 87 12.05 -8.14 -9.70
CA VAL A 87 11.05 -8.14 -10.76
C VAL A 87 11.04 -6.71 -11.32
N THR A 88 11.30 -6.59 -12.61
CA THR A 88 11.38 -5.27 -13.26
C THR A 88 10.13 -4.77 -13.98
N ASP A 89 8.98 -5.32 -13.62
CA ASP A 89 7.71 -4.91 -14.23
C ASP A 89 6.72 -4.59 -13.13
N GLN A 90 6.14 -3.38 -13.17
CA GLN A 90 5.20 -2.99 -12.14
C GLN A 90 3.99 -3.90 -12.02
N GLY A 91 3.46 -4.33 -13.17
CA GLY A 91 2.30 -5.22 -13.16
C GLY A 91 2.56 -6.50 -12.42
N PHE A 92 3.64 -7.20 -12.79
CA PHE A 92 3.99 -8.44 -12.12
C PHE A 92 4.32 -8.20 -10.66
N ALA A 93 5.03 -7.10 -10.39
CA ALA A 93 5.39 -6.77 -9.02
C ALA A 93 4.15 -6.60 -8.15
N ASN A 94 3.18 -5.81 -8.62
CA ASN A 94 1.97 -5.59 -7.84
C ASN A 94 1.21 -6.87 -7.55
N LYS A 95 1.11 -7.75 -8.54
CA LYS A 95 0.40 -9.00 -8.37
C LYS A 95 1.14 -9.90 -7.36
N LEU A 96 2.46 -9.95 -7.47
CA LEU A 96 3.26 -10.76 -6.56
C LEU A 96 3.19 -10.25 -5.12
N ILE A 97 3.16 -8.94 -4.95
CA ILE A 97 3.08 -8.35 -3.62
C ILE A 97 1.81 -8.77 -2.90
N SER A 98 0.69 -8.83 -3.63
CA SER A 98 -0.58 -9.23 -3.04
C SER A 98 -0.65 -10.73 -2.74
N LEU A 99 0.26 -11.50 -3.35
CA LEU A 99 0.30 -12.95 -3.14
C LEU A 99 1.35 -13.39 -2.12
N LEU A 100 2.15 -12.43 -1.65
CA LEU A 100 3.19 -12.73 -0.68
C LEU A 100 2.92 -12.09 0.68
N GLY B 4 -11.55 11.83 10.94
CA GLY B 4 -12.67 11.13 10.24
C GLY B 4 -12.28 9.74 9.76
N MET B 5 -11.09 9.30 10.17
N MET B 5 -11.11 9.26 10.19
CA MET B 5 -10.58 7.98 9.78
CA MET B 5 -10.66 7.93 9.78
C MET B 5 -10.05 7.25 11.02
C MET B 5 -10.14 7.16 10.98
N GLU B 6 -10.71 7.45 12.15
CA GLU B 6 -10.29 6.79 13.37
C GLU B 6 -10.61 5.30 13.39
N TRP B 7 -11.43 4.85 12.45
CA TRP B 7 -11.74 3.42 12.39
C TRP B 7 -10.47 2.63 12.08
N PHE B 8 -9.58 3.25 11.30
CA PHE B 8 -8.33 2.61 10.88
C PHE B 8 -7.44 2.15 12.03
N PRO B 9 -7.05 3.06 12.93
CA PRO B 9 -6.21 2.57 14.01
C PRO B 9 -6.95 1.61 14.94
N LEU B 10 -8.26 1.83 15.09
CA LEU B 10 -9.08 0.97 15.95
C LEU B 10 -9.11 -0.46 15.44
N LEU B 11 -9.25 -0.64 14.12
CA LEU B 11 -9.28 -1.99 13.59
C LEU B 11 -7.92 -2.67 13.81
N GLY B 12 -6.85 -1.87 13.80
CA GLY B 12 -5.52 -2.41 14.03
C GLY B 12 -5.44 -2.91 15.46
N LEU B 13 -6.07 -2.20 16.38
CA LEU B 13 -6.06 -2.60 17.79
C LEU B 13 -6.88 -3.88 17.96
N ALA B 14 -8.00 -3.96 17.25
CA ALA B 14 -8.85 -5.14 17.32
C ALA B 14 -8.06 -6.35 16.82
N ASN B 15 -7.25 -6.14 15.80
CA ASN B 15 -6.44 -7.21 15.24
C ASN B 15 -5.38 -7.64 16.24
N ARG B 16 -4.80 -6.68 16.93
CA ARG B 16 -3.78 -6.97 17.94
C ARG B 16 -4.41 -7.77 19.07
N ALA B 17 -5.69 -7.53 19.34
CA ALA B 17 -6.39 -8.23 20.41
C ALA B 17 -6.91 -9.58 19.91
N ARG B 18 -6.48 -9.96 18.71
CA ARG B 18 -6.86 -11.24 18.10
C ARG B 18 -8.37 -11.35 17.83
N LYS B 19 -9.01 -10.21 17.58
CA LYS B 19 -10.44 -10.20 17.33
C LYS B 19 -10.78 -9.91 15.87
N VAL B 20 -9.83 -10.22 14.99
CA VAL B 20 -10.03 -10.00 13.56
C VAL B 20 -9.62 -11.21 12.72
N VAL B 21 -10.47 -11.58 11.77
CA VAL B 21 -10.14 -12.67 10.86
C VAL B 21 -10.36 -12.10 9.47
N SER B 22 -9.64 -12.63 8.48
CA SER B 22 -9.79 -12.11 7.12
C SER B 22 -9.89 -13.24 6.10
N GLY B 23 -10.44 -12.91 4.94
CA GLY B 23 -10.62 -13.92 3.91
C GLY B 23 -12.03 -14.46 3.97
N GLU B 24 -12.62 -14.72 2.82
CA GLU B 24 -13.98 -15.21 2.75
C GLU B 24 -14.26 -16.45 3.62
N ASP B 25 -13.41 -17.46 3.51
CA ASP B 25 -13.60 -18.69 4.28
C ASP B 25 -13.68 -18.49 5.80
N LEU B 26 -12.69 -17.82 6.38
CA LEU B 26 -12.70 -17.60 7.82
C LEU B 26 -13.82 -16.65 8.24
N VAL B 27 -14.15 -15.68 7.40
CA VAL B 27 -15.22 -14.75 7.73
C VAL B 27 -16.54 -15.51 7.81
N ILE B 28 -16.80 -16.36 6.82
CA ILE B 28 -18.03 -17.14 6.80
C ILE B 28 -18.07 -18.08 8.02
N LYS B 29 -16.91 -18.63 8.39
CA LYS B 29 -16.84 -19.51 9.55
C LYS B 29 -17.26 -18.75 10.80
N GLU B 30 -16.72 -17.54 11.00
CA GLU B 30 -17.05 -16.75 12.18
C GLU B 30 -18.49 -16.26 12.18
N ILE B 31 -19.07 -16.07 10.99
CA ILE B 31 -20.46 -15.64 10.91
C ILE B 31 -21.32 -16.83 11.36
N ARG B 32 -21.03 -18.01 10.83
CA ARG B 32 -21.78 -19.22 11.19
C ARG B 32 -21.66 -19.60 12.66
N ASN B 33 -20.49 -19.40 13.26
N ASN B 33 -20.48 -19.38 13.24
CA ASN B 33 -20.31 -19.74 14.66
CA ASN B 33 -20.23 -19.70 14.65
C ASN B 33 -20.81 -18.65 15.60
C ASN B 33 -20.76 -18.62 15.59
N ALA B 34 -21.38 -17.59 15.02
CA ALA B 34 -21.93 -16.48 15.80
C ALA B 34 -20.88 -15.63 16.51
N ARG B 35 -19.62 -15.76 16.12
CA ARG B 35 -18.58 -14.96 16.76
C ARG B 35 -18.37 -13.62 16.06
N ALA B 36 -18.65 -13.57 14.76
CA ALA B 36 -18.52 -12.34 13.98
C ALA B 36 -19.60 -11.34 14.39
N LYS B 37 -19.18 -10.16 14.81
CA LYS B 37 -20.14 -9.13 15.23
C LYS B 37 -20.17 -7.94 14.27
N LEU B 38 -19.25 -7.94 13.31
CA LEU B 38 -19.18 -6.90 12.29
C LEU B 38 -18.32 -7.43 11.15
N VAL B 39 -18.79 -7.21 9.93
CA VAL B 39 -18.05 -7.62 8.76
C VAL B 39 -17.74 -6.39 7.93
N LEU B 40 -16.51 -6.31 7.43
CA LEU B 40 -16.09 -5.21 6.58
C LEU B 40 -15.77 -5.78 5.21
N LEU B 41 -16.39 -5.21 4.19
CA LEU B 41 -16.21 -5.64 2.81
C LEU B 41 -15.77 -4.45 1.96
N THR B 42 -14.83 -4.67 1.05
CA THR B 42 -14.38 -3.59 0.20
C THR B 42 -15.32 -3.34 -0.98
N GLU B 43 -15.31 -2.12 -1.49
CA GLU B 43 -16.14 -1.76 -2.62
C GLU B 43 -15.63 -2.49 -3.87
N ASP B 44 -14.36 -2.87 -3.85
CA ASP B 44 -13.75 -3.56 -4.98
C ASP B 44 -13.80 -5.08 -4.91
N ALA B 45 -14.60 -5.61 -3.98
CA ALA B 45 -14.74 -7.05 -3.85
C ALA B 45 -15.44 -7.58 -5.11
N SER B 46 -15.12 -8.82 -5.48
CA SER B 46 -15.75 -9.40 -6.66
C SER B 46 -17.23 -9.56 -6.37
N SER B 47 -18.05 -9.56 -7.42
CA SER B 47 -19.48 -9.73 -7.25
C SER B 47 -19.79 -11.03 -6.52
N ASN B 48 -19.06 -12.10 -6.87
CA ASN B 48 -19.26 -13.40 -6.24
C ASN B 48 -19.02 -13.36 -4.73
N THR B 49 -17.90 -12.78 -4.33
CA THR B 49 -17.55 -12.68 -2.92
C THR B 49 -18.54 -11.82 -2.14
N ALA B 50 -18.86 -10.66 -2.69
CA ALA B 50 -19.78 -9.74 -2.03
C ALA B 50 -21.14 -10.39 -1.80
N LYS B 51 -21.63 -11.11 -2.79
CA LYS B 51 -22.93 -11.76 -2.69
C LYS B 51 -22.94 -12.84 -1.63
N LYS B 52 -21.92 -13.70 -1.65
CA LYS B 52 -21.83 -14.78 -0.69
C LYS B 52 -21.72 -14.25 0.74
N VAL B 53 -20.89 -13.23 0.94
CA VAL B 53 -20.72 -12.66 2.27
C VAL B 53 -21.96 -11.91 2.77
N THR B 54 -22.53 -11.07 1.92
CA THR B 54 -23.71 -10.32 2.34
C THR B 54 -24.89 -11.26 2.59
N ASP B 55 -25.04 -12.29 1.78
CA ASP B 55 -26.15 -13.23 2.01
C ASP B 55 -26.02 -13.85 3.40
N LYS B 56 -24.79 -14.18 3.79
CA LYS B 56 -24.55 -14.78 5.11
C LYS B 56 -24.80 -13.76 6.22
N CYS B 57 -24.31 -12.54 6.04
CA CYS B 57 -24.49 -11.52 7.06
C CYS B 57 -25.97 -11.24 7.28
N ASN B 58 -26.72 -11.11 6.20
CA ASN B 58 -28.15 -10.85 6.31
C ASN B 58 -28.89 -12.00 6.99
N TYR B 59 -28.56 -13.22 6.63
CA TYR B 59 -29.24 -14.37 7.21
C TYR B 59 -28.97 -14.52 8.69
N TYR B 60 -27.71 -14.34 9.08
CA TYR B 60 -27.32 -14.50 10.48
C TYR B 60 -27.35 -13.21 11.29
N LYS B 61 -27.87 -12.16 10.68
CA LYS B 61 -28.02 -10.86 11.33
C LYS B 61 -26.72 -10.24 11.84
N VAL B 62 -25.71 -10.25 10.99
CA VAL B 62 -24.42 -9.65 11.32
C VAL B 62 -24.30 -8.38 10.47
N PRO B 63 -24.04 -7.24 11.11
CA PRO B 63 -23.92 -6.00 10.34
C PRO B 63 -22.66 -5.98 9.50
N TYR B 64 -22.74 -5.33 8.35
CA TYR B 64 -21.58 -5.19 7.49
C TYR B 64 -21.50 -3.77 6.98
N LYS B 65 -20.27 -3.31 6.80
CA LYS B 65 -19.99 -1.96 6.32
C LYS B 65 -19.01 -2.10 5.16
N LYS B 66 -19.02 -1.13 4.25
CA LYS B 66 -18.12 -1.16 3.11
C LYS B 66 -16.91 -0.27 3.35
N VAL B 67 -15.76 -0.70 2.86
CA VAL B 67 -14.52 0.05 2.98
C VAL B 67 -14.13 0.39 1.55
N GLU B 68 -13.44 1.50 1.34
CA GLU B 68 -13.05 1.94 0.00
C GLU B 68 -12.24 1.00 -0.88
N SER B 69 -11.15 0.44 -0.35
CA SER B 69 -10.28 -0.41 -1.15
C SER B 69 -9.67 -1.56 -0.38
N ARG B 70 -9.17 -2.56 -1.10
CA ARG B 70 -8.56 -3.70 -0.43
C ARG B 70 -7.22 -3.27 0.16
N ALA B 71 -6.63 -2.21 -0.38
CA ALA B 71 -5.35 -1.72 0.13
C ALA B 71 -5.53 -1.15 1.52
N VAL B 72 -6.54 -0.31 1.71
CA VAL B 72 -6.76 0.28 3.03
C VAL B 72 -7.23 -0.75 4.05
N LEU B 73 -8.08 -1.70 3.65
CA LEU B 73 -8.54 -2.70 4.60
C LEU B 73 -7.37 -3.59 5.01
N GLY B 74 -6.55 -3.96 4.03
CA GLY B 74 -5.41 -4.80 4.34
C GLY B 74 -4.41 -4.08 5.24
N ARG B 75 -4.09 -2.84 4.88
CA ARG B 75 -3.13 -2.07 5.67
C ARG B 75 -3.59 -1.80 7.08
N SER B 76 -4.90 -1.73 7.29
CA SER B 76 -5.41 -1.49 8.64
C SER B 76 -4.99 -2.62 9.59
N ILE B 77 -4.79 -3.82 9.04
CA ILE B 77 -4.40 -4.95 9.87
C ILE B 77 -3.00 -5.47 9.54
N GLY B 78 -2.16 -4.59 8.99
CA GLY B 78 -0.79 -4.95 8.66
C GLY B 78 -0.54 -5.85 7.47
N LYS B 79 -1.51 -5.94 6.56
CA LYS B 79 -1.35 -6.78 5.37
C LYS B 79 -1.32 -5.88 4.14
N GLU B 80 -1.05 -6.48 2.99
CA GLU B 80 -1.01 -5.73 1.74
C GLU B 80 -2.41 -5.44 1.21
N ALA B 81 -3.25 -6.47 1.20
CA ALA B 81 -4.61 -6.32 0.69
C ALA B 81 -5.57 -7.40 1.19
N ARG B 82 -6.79 -6.96 1.49
CA ARG B 82 -7.84 -7.87 1.96
C ARG B 82 -9.15 -7.31 1.44
N VAL B 83 -10.04 -8.20 1.04
CA VAL B 83 -11.34 -7.79 0.51
C VAL B 83 -12.43 -7.91 1.56
N VAL B 84 -12.20 -8.75 2.58
CA VAL B 84 -13.21 -8.93 3.60
C VAL B 84 -12.59 -9.32 4.94
N VAL B 85 -13.12 -8.74 6.01
CA VAL B 85 -12.65 -9.00 7.36
C VAL B 85 -13.84 -9.10 8.30
N ALA B 86 -13.65 -9.82 9.41
CA ALA B 86 -14.70 -9.95 10.41
C ALA B 86 -14.10 -9.65 11.76
N VAL B 87 -14.83 -8.88 12.57
CA VAL B 87 -14.41 -8.52 13.91
C VAL B 87 -15.21 -9.44 14.83
N THR B 88 -14.49 -10.25 15.61
CA THR B 88 -15.10 -11.24 16.49
C THR B 88 -15.27 -10.85 17.95
N ASP B 89 -15.56 -9.57 18.18
CA ASP B 89 -15.74 -9.04 19.52
C ASP B 89 -16.82 -7.95 19.43
N GLN B 90 -17.86 -8.05 20.25
CA GLN B 90 -18.95 -7.08 20.21
C GLN B 90 -18.50 -5.67 20.58
N GLY B 91 -17.61 -5.58 21.58
CA GLY B 91 -17.11 -4.29 22.00
C GLY B 91 -16.42 -3.56 20.87
N PHE B 92 -15.49 -4.24 20.20
CA PHE B 92 -14.78 -3.63 19.08
C PHE B 92 -15.73 -3.35 17.93
N ALA B 93 -16.69 -4.24 17.70
CA ALA B 93 -17.66 -4.06 16.63
C ALA B 93 -18.48 -2.80 16.86
N ASN B 94 -18.95 -2.60 18.08
CA ASN B 94 -19.74 -1.41 18.40
C ASN B 94 -18.92 -0.14 18.20
N LYS B 95 -17.68 -0.16 18.68
CA LYS B 95 -16.81 1.00 18.54
C LYS B 95 -16.51 1.31 17.08
N LEU B 96 -16.26 0.28 16.29
CA LEU B 96 -15.98 0.49 14.87
C LEU B 96 -17.20 1.04 14.15
N ILE B 97 -18.38 0.47 14.42
CA ILE B 97 -19.59 0.96 13.76
C ILE B 97 -19.82 2.44 14.12
N SER B 98 -19.47 2.81 15.35
CA SER B 98 -19.65 4.19 15.81
C SER B 98 -18.75 5.17 15.05
N LEU B 99 -17.72 4.63 14.41
CA LEU B 99 -16.76 5.44 13.66
C LEU B 99 -16.87 5.26 12.15
N LEU B 100 -17.87 4.48 11.72
CA LEU B 100 -18.07 4.24 10.29
C LEU B 100 -19.42 4.75 9.79
N GLY C 4 12.93 27.32 -14.66
CA GLY C 4 13.37 26.56 -13.45
C GLY C 4 12.26 26.42 -12.43
N MET C 5 11.01 26.45 -12.89
N MET C 5 11.01 26.51 -12.91
CA MET C 5 9.88 26.32 -11.99
CA MET C 5 9.83 26.41 -12.06
C MET C 5 8.77 25.51 -12.67
C MET C 5 8.77 25.60 -12.79
N GLU C 6 9.19 24.58 -13.51
CA GLU C 6 8.27 23.73 -14.26
C GLU C 6 7.29 22.97 -13.37
N TRP C 7 7.64 22.72 -12.10
CA TRP C 7 6.74 21.99 -11.22
C TRP C 7 5.40 22.69 -11.00
N PHE C 8 5.42 24.03 -10.99
CA PHE C 8 4.22 24.80 -10.75
C PHE C 8 3.11 24.57 -11.77
N PRO C 9 3.37 24.82 -13.06
CA PRO C 9 2.30 24.57 -14.03
C PRO C 9 1.94 23.08 -14.14
N LEU C 10 2.92 22.21 -13.91
CA LEU C 10 2.68 20.78 -13.98
C LEU C 10 1.69 20.31 -12.91
N LEU C 11 1.88 20.76 -11.67
CA LEU C 11 0.97 20.37 -10.60
C LEU C 11 -0.42 20.93 -10.86
N GLY C 12 -0.50 22.08 -11.53
CA GLY C 12 -1.79 22.65 -11.83
C GLY C 12 -2.52 21.75 -12.80
N LEU C 13 -1.79 21.25 -13.80
CA LEU C 13 -2.34 20.35 -14.79
C LEU C 13 -2.79 19.05 -14.13
N ALA C 14 -2.01 18.58 -13.17
CA ALA C 14 -2.35 17.36 -12.45
C ALA C 14 -3.65 17.55 -11.70
N ASN C 15 -3.83 18.75 -11.15
CA ASN C 15 -5.06 19.04 -10.40
C ASN C 15 -6.28 19.09 -11.32
N ARG C 16 -6.09 19.66 -12.52
N ARG C 16 -6.09 19.66 -12.51
CA ARG C 16 -7.18 19.76 -13.48
CA ARG C 16 -7.17 19.76 -13.50
C ARG C 16 -7.58 18.37 -13.96
C ARG C 16 -7.58 18.38 -13.99
N ALA C 17 -6.65 17.43 -13.90
CA ALA C 17 -6.89 16.06 -14.32
C ALA C 17 -7.37 15.22 -13.13
N ARG C 18 -7.71 15.92 -12.05
CA ARG C 18 -8.22 15.30 -10.83
C ARG C 18 -7.25 14.32 -10.18
N LYS C 19 -5.95 14.59 -10.29
CA LYS C 19 -4.94 13.73 -9.71
C LYS C 19 -4.28 14.34 -8.47
N VAL C 20 -4.93 15.34 -7.89
CA VAL C 20 -4.40 16.02 -6.72
C VAL C 20 -5.39 16.09 -5.56
N VAL C 21 -4.91 15.79 -4.37
N VAL C 21 -4.90 15.78 -4.37
CA VAL C 21 -5.73 15.87 -3.16
CA VAL C 21 -5.70 15.81 -3.14
C VAL C 21 -4.95 16.74 -2.19
C VAL C 21 -4.94 16.69 -2.14
N SER C 22 -5.67 17.55 -1.42
CA SER C 22 -5.01 18.42 -0.45
C SER C 22 -5.63 18.35 0.94
N GLY C 23 -4.83 18.74 1.93
CA GLY C 23 -5.28 18.71 3.31
C GLY C 23 -4.68 17.51 4.02
N GLU C 24 -4.22 17.72 5.25
CA GLU C 24 -3.60 16.66 6.03
C GLU C 24 -4.42 15.38 6.10
N ASP C 25 -5.66 15.49 6.55
CA ASP C 25 -6.53 14.32 6.68
C ASP C 25 -6.72 13.56 5.38
N LEU C 26 -7.05 14.27 4.31
CA LEU C 26 -7.26 13.63 3.02
C LEU C 26 -5.97 13.05 2.42
N VAL C 27 -4.84 13.67 2.70
CA VAL C 27 -3.58 13.15 2.17
C VAL C 27 -3.24 11.84 2.86
N ILE C 28 -3.45 11.78 4.18
CA ILE C 28 -3.18 10.57 4.93
C ILE C 28 -4.08 9.44 4.43
N LYS C 29 -5.30 9.79 4.05
CA LYS C 29 -6.26 8.83 3.53
C LYS C 29 -5.75 8.26 2.21
N GLU C 30 -5.19 9.12 1.36
CA GLU C 30 -4.67 8.66 0.07
C GLU C 30 -3.47 7.76 0.29
N ILE C 31 -2.62 8.12 1.23
CA ILE C 31 -1.45 7.31 1.54
C ILE C 31 -1.84 5.91 2.03
N ARG C 32 -2.79 5.85 2.95
CA ARG C 32 -3.24 4.57 3.49
C ARG C 32 -3.97 3.71 2.45
N ASN C 33 -4.57 4.35 1.45
CA ASN C 33 -5.27 3.62 0.39
C ASN C 33 -4.30 3.28 -0.74
N ALA C 34 -3.02 3.59 -0.55
CA ALA C 34 -1.99 3.32 -1.54
C ALA C 34 -2.20 4.03 -2.87
N ARG C 35 -2.87 5.19 -2.83
CA ARG C 35 -3.12 5.95 -4.05
C ARG C 35 -2.15 7.12 -4.22
N ALA C 36 -1.51 7.53 -3.14
CA ALA C 36 -0.56 8.62 -3.19
C ALA C 36 0.77 8.15 -3.78
N LYS C 37 1.19 8.80 -4.86
CA LYS C 37 2.45 8.46 -5.53
C LYS C 37 3.53 9.49 -5.20
N LEU C 38 3.11 10.63 -4.67
CA LEU C 38 4.01 11.71 -4.26
C LEU C 38 3.28 12.66 -3.34
N VAL C 39 3.95 13.10 -2.29
CA VAL C 39 3.36 14.06 -1.37
C VAL C 39 4.24 15.30 -1.37
N LEU C 40 3.60 16.46 -1.38
CA LEU C 40 4.31 17.74 -1.35
C LEU C 40 3.93 18.49 -0.09
N LEU C 41 4.94 18.88 0.69
N LEU C 41 4.95 18.87 0.68
CA LEU C 41 4.73 19.61 1.93
CA LEU C 41 4.76 19.61 1.93
C LEU C 41 5.44 20.95 1.85
C LEU C 41 5.44 20.97 1.83
N THR C 42 4.89 21.97 2.50
CA THR C 42 5.49 23.30 2.49
C THR C 42 6.48 23.38 3.64
N GLU C 43 7.49 24.22 3.48
CA GLU C 43 8.50 24.38 4.52
C GLU C 43 7.94 25.14 5.72
N ASP C 44 6.81 25.81 5.52
CA ASP C 44 6.18 26.57 6.60
C ASP C 44 5.08 25.77 7.30
N ALA C 45 5.02 24.47 6.99
CA ALA C 45 4.03 23.59 7.61
C ALA C 45 4.33 23.42 9.09
N SER C 46 3.29 23.30 9.91
CA SER C 46 3.49 23.12 11.34
C SER C 46 4.27 21.84 11.59
N SER C 47 5.09 21.83 12.62
CA SER C 47 5.89 20.66 12.96
C SER C 47 5.01 19.42 13.14
N ASN C 48 3.85 19.61 13.75
CA ASN C 48 2.92 18.50 13.98
C ASN C 48 2.44 17.91 12.66
N THR C 49 2.11 18.78 11.70
CA THR C 49 1.65 18.35 10.40
C THR C 49 2.79 17.68 9.62
N ALA C 50 3.97 18.29 9.68
CA ALA C 50 5.13 17.76 9.00
C ALA C 50 5.49 16.37 9.53
N LYS C 51 5.54 16.24 10.85
CA LYS C 51 5.88 14.96 11.47
C LYS C 51 4.88 13.88 11.10
N LYS C 52 3.60 14.16 11.32
CA LYS C 52 2.54 13.20 11.02
C LYS C 52 2.57 12.75 9.55
N VAL C 53 2.57 13.72 8.65
CA VAL C 53 2.58 13.42 7.22
C VAL C 53 3.83 12.66 6.77
N THR C 54 5.01 13.16 7.15
CA THR C 54 6.25 12.51 6.77
C THR C 54 6.40 11.11 7.37
N ASP C 55 5.88 10.91 8.58
CA ASP C 55 5.97 9.60 9.20
C ASP C 55 5.18 8.59 8.37
N LYS C 56 4.01 9.01 7.91
CA LYS C 56 3.16 8.15 7.08
C LYS C 56 3.83 7.84 5.74
N CYS C 57 4.40 8.85 5.11
CA CYS C 57 5.06 8.65 3.82
C CYS C 57 6.19 7.62 3.94
N ASN C 58 7.02 7.79 4.95
CA ASN C 58 8.13 6.87 5.17
C ASN C 58 7.65 5.45 5.43
N TYR C 59 6.61 5.30 6.26
CA TYR C 59 6.10 3.99 6.58
C TYR C 59 5.54 3.27 5.37
N TYR C 60 4.81 3.99 4.52
CA TYR C 60 4.20 3.40 3.34
C TYR C 60 4.99 3.58 2.03
N LYS C 61 6.26 3.96 2.16
CA LYS C 61 7.15 4.13 1.01
C LYS C 61 6.70 5.12 -0.05
N VAL C 62 6.10 6.24 0.38
CA VAL C 62 5.65 7.25 -0.55
C VAL C 62 6.67 8.38 -0.56
N PRO C 63 7.18 8.74 -1.76
N PRO C 63 7.21 8.72 -1.74
CA PRO C 63 8.16 9.82 -1.87
CA PRO C 63 8.19 9.80 -1.76
C PRO C 63 7.53 11.19 -1.55
C PRO C 63 7.52 11.14 -1.45
N TYR C 64 8.28 12.05 -0.88
CA TYR C 64 7.76 13.37 -0.56
C TYR C 64 8.84 14.39 -0.85
N LYS C 65 8.41 15.59 -1.23
CA LYS C 65 9.31 16.69 -1.52
C LYS C 65 8.71 17.94 -0.89
N LYS C 66 9.54 18.94 -0.63
CA LYS C 66 9.02 20.15 -0.03
C LYS C 66 9.06 21.32 -0.98
N VAL C 67 8.08 22.21 -0.84
CA VAL C 67 8.02 23.40 -1.67
C VAL C 67 8.17 24.59 -0.73
N GLU C 68 8.51 25.74 -1.31
CA GLU C 68 8.75 26.97 -0.57
C GLU C 68 7.72 27.39 0.48
N SER C 69 6.48 27.64 0.05
CA SER C 69 5.45 28.08 0.99
C SER C 69 4.04 27.63 0.64
N ARG C 70 3.12 27.82 1.58
CA ARG C 70 1.74 27.42 1.39
C ARG C 70 1.09 28.33 0.35
N ALA C 71 1.66 29.50 0.15
CA ALA C 71 1.12 30.42 -0.83
C ALA C 71 1.37 29.86 -2.22
N VAL C 72 2.60 29.44 -2.48
CA VAL C 72 2.93 28.89 -3.79
C VAL C 72 2.30 27.52 -4.01
N LEU C 73 2.19 26.71 -2.97
CA LEU C 73 1.58 25.40 -3.14
C LEU C 73 0.10 25.55 -3.44
N GLY C 74 -0.58 26.41 -2.68
CA GLY C 74 -1.99 26.62 -2.93
C GLY C 74 -2.23 27.19 -4.30
N ARG C 75 -1.46 28.22 -4.66
CA ARG C 75 -1.61 28.87 -5.95
C ARG C 75 -1.37 27.93 -7.13
N SER C 76 -0.45 26.98 -6.96
CA SER C 76 -0.17 26.04 -8.04
C SER C 76 -1.42 25.26 -8.42
N ILE C 77 -2.35 25.10 -7.48
CA ILE C 77 -3.58 24.38 -7.77
C ILE C 77 -4.82 25.27 -7.72
N GLY C 78 -4.61 26.57 -7.95
CA GLY C 78 -5.69 27.53 -7.98
C GLY C 78 -6.36 27.90 -6.67
N LYS C 79 -5.61 27.77 -5.58
CA LYS C 79 -6.15 28.11 -4.27
C LYS C 79 -5.30 29.19 -3.62
N GLU C 80 -5.74 29.68 -2.47
CA GLU C 80 -4.99 30.73 -1.77
C GLU C 80 -3.85 30.15 -0.93
N ALA C 81 -4.09 29.01 -0.28
CA ALA C 81 -3.05 28.42 0.54
C ALA C 81 -3.28 26.93 0.84
N ARG C 82 -2.21 26.17 0.80
CA ARG C 82 -2.24 24.74 1.10
C ARG C 82 -0.90 24.36 1.72
N VAL C 83 -0.95 23.51 2.73
N VAL C 83 -0.94 23.50 2.72
CA VAL C 83 0.25 23.07 3.42
CA VAL C 83 0.28 23.07 3.40
C VAL C 83 0.71 21.69 2.94
C VAL C 83 0.73 21.68 2.94
N VAL C 84 -0.22 20.88 2.45
CA VAL C 84 0.11 19.55 1.99
C VAL C 84 -0.84 19.03 0.92
N VAL C 85 -0.27 18.37 -0.08
CA VAL C 85 -1.06 17.79 -1.16
C VAL C 85 -0.44 16.45 -1.55
N ALA C 86 -1.22 15.63 -2.23
CA ALA C 86 -0.74 14.34 -2.69
C ALA C 86 -1.12 14.21 -4.16
N VAL C 87 -0.21 13.64 -4.95
CA VAL C 87 -0.42 13.41 -6.38
C VAL C 87 -0.69 11.91 -6.52
N THR C 88 -1.81 11.57 -7.16
CA THR C 88 -2.21 10.16 -7.31
C THR C 88 -1.96 9.56 -8.69
N ASP C 89 -1.18 10.26 -9.52
CA ASP C 89 -0.86 9.82 -10.87
C ASP C 89 0.64 9.49 -10.91
N GLN C 90 0.99 8.26 -11.25
CA GLN C 90 2.39 7.87 -11.29
C GLN C 90 3.21 8.72 -12.26
N GLY C 91 2.64 9.01 -13.44
CA GLY C 91 3.33 9.81 -14.43
C GLY C 91 3.65 11.20 -13.93
N PHE C 92 2.65 11.89 -13.40
CA PHE C 92 2.83 13.23 -12.87
C PHE C 92 3.81 13.19 -11.69
N ALA C 93 3.67 12.17 -10.84
CA ALA C 93 4.54 12.03 -9.68
C ALA C 93 6.00 11.90 -10.09
N ASN C 94 6.28 11.02 -11.05
CA ASN C 94 7.65 10.80 -11.49
C ASN C 94 8.28 12.07 -12.06
N LYS C 95 7.51 12.81 -12.86
CA LYS C 95 8.00 14.05 -13.44
C LYS C 95 8.26 15.09 -12.35
N LEU C 96 7.32 15.25 -11.43
CA LEU C 96 7.47 16.21 -10.35
C LEU C 96 8.68 15.89 -9.49
N ILE C 97 8.92 14.60 -9.25
CA ILE C 97 10.06 14.19 -8.44
C ILE C 97 11.37 14.63 -9.10
N SER C 98 11.44 14.48 -10.43
CA SER C 98 12.64 14.86 -11.16
C SER C 98 12.81 16.38 -11.25
N LEU C 99 11.71 17.12 -11.08
CA LEU C 99 11.77 18.58 -11.16
C LEU C 99 12.04 19.25 -9.81
N LEU C 100 11.84 18.51 -8.73
CA LEU C 100 12.08 19.04 -7.39
C LEU C 100 13.27 18.34 -6.74
C2 CIT D . 24.57 3.88 0.17
C3 CIT D . 23.16 3.90 -0.36
O7 CIT D . 22.54 5.11 0.14
C4 CIT D . 23.05 4.13 -1.91
C5 CIT D . 23.62 3.15 -2.90
O3 CIT D . 24.69 2.48 -2.58
O4 CIT D . 23.09 2.98 -4.08
C6 CIT D . 22.34 2.62 0.14
O5 CIT D . 21.29 2.94 0.91
O6 CIT D . 22.73 1.50 -0.20
K K E . 21.17 -15.27 -6.24
C1 CIT F . -25.43 -21.24 5.62
O1 CIT F . -24.83 -21.64 4.54
O2 CIT F . -24.73 -21.09 6.72
C2 CIT F . -26.89 -20.98 5.57
C3 CIT F . -27.49 -20.09 4.42
O7 CIT F . -26.65 -18.90 4.46
C4 CIT F . -28.91 -19.65 4.71
C5 CIT F . -29.66 -18.79 3.73
O3 CIT F . -30.93 -19.12 3.47
O4 CIT F . -29.07 -17.84 3.24
C6 CIT F . -27.39 -20.84 3.01
O5 CIT F . -26.57 -20.21 2.15
O6 CIT F . -28.06 -21.87 2.84
K K G . -9.59 -11.23 1.68
C3 CIT H . 1.70 3.79 11.05
O7 CIT H . 2.11 4.84 10.12
C4 CIT H . 0.36 3.27 10.42
C5 CIT H . -0.75 4.22 10.10
O3 CIT H . -1.14 5.05 11.03
O4 CIT H . -1.34 4.23 8.94
C6 CIT H . 1.53 4.35 12.52
O5 CIT H . 1.79 5.65 12.64
O6 CIT H . 1.18 3.54 13.41
#